data_1VFR
#
_entry.id   1VFR
#
_cell.length_a   101.600
_cell.length_b   63.300
_cell.length_c   74.400
_cell.angle_alpha   90.00
_cell.angle_beta   100.00
_cell.angle_gamma   90.00
#
_symmetry.space_group_name_H-M   'C 1 2 1'
#
loop_
_entity.id
_entity.type
_entity.pdbx_description
1 polymer 'NAD(P)H\:FMN OXIDOREDUCTASE'
2 non-polymer 'FLAVIN MONONUCLEOTIDE'
3 water water
#
_entity_poly.entity_id   1
_entity_poly.type   'polypeptide(L)'
_entity_poly.pdbx_seq_one_letter_code
;MTHPIIHDLENRYTSKKYDPSKKVSQEDLAVLLEALRLSASSINSQPWKFIVIESDAAKQRMHDSFANMHQFNQPHIKAC
SHVILFANKLSYTRDDYDVVLSKAVADKRITEEQKEAAFASFKFVELNCDENGEHKAWTKPQAYLALGNALHTLARLNID
STTMEGIDPELLSEIFADELKGYECHVALAIGYHHPSEDYNASLPKSRKAFEDVITIL
;
_entity_poly.pdbx_strand_id   A,B
#
loop_
_chem_comp.id
_chem_comp.type
_chem_comp.name
_chem_comp.formula
FMN non-polymer 'FLAVIN MONONUCLEOTIDE' 'C17 H21 N4 O9 P'
#
# COMPACT_ATOMS: atom_id res chain seq x y z
N THR A 2 10.33 14.80 18.66
CA THR A 2 9.75 14.62 17.31
C THR A 2 8.35 14.03 17.43
N HIS A 3 7.48 14.41 16.49
CA HIS A 3 6.12 13.89 16.48
C HIS A 3 6.27 12.35 16.38
N PRO A 4 5.54 11.58 17.21
CA PRO A 4 5.64 10.11 17.19
C PRO A 4 5.52 9.47 15.79
N ILE A 5 4.57 9.93 14.98
CA ILE A 5 4.38 9.37 13.64
C ILE A 5 5.59 9.64 12.75
N ILE A 6 6.08 10.87 12.79
CA ILE A 6 7.24 11.24 11.98
C ILE A 6 8.50 10.51 12.43
N HIS A 7 8.68 10.38 13.74
CA HIS A 7 9.84 9.68 14.24
C HIS A 7 9.86 8.22 13.70
N ASP A 8 8.72 7.55 13.75
CA ASP A 8 8.63 6.17 13.28
C ASP A 8 8.99 6.04 11.80
N LEU A 9 8.46 6.95 10.99
CA LEU A 9 8.69 6.92 9.56
C LEU A 9 10.07 7.40 9.13
N GLU A 10 10.70 8.24 9.96
CA GLU A 10 12.05 8.69 9.66
C GLU A 10 13.04 7.65 10.11
N ASN A 11 12.69 6.85 11.11
CA ASN A 11 13.62 5.86 11.62
C ASN A 11 13.58 4.47 11.02
N ARG A 12 12.47 4.11 10.38
CA ARG A 12 12.38 2.81 9.72
C ARG A 12 13.20 2.96 8.45
N TYR A 13 13.73 1.84 7.94
CA TYR A 13 14.55 1.85 6.74
C TYR A 13 14.67 0.42 6.24
N THR A 14 15.26 0.27 5.06
CA THR A 14 15.46 -1.05 4.46
C THR A 14 16.77 -1.66 4.94
N SER A 15 16.67 -2.68 5.77
CA SER A 15 17.84 -3.34 6.30
C SER A 15 18.55 -4.12 5.18
N LYS A 16 19.88 -4.08 5.19
CA LYS A 16 20.68 -4.78 4.17
C LYS A 16 21.49 -5.96 4.74
N LYS A 17 21.23 -6.32 6.00
CA LYS A 17 21.96 -7.43 6.64
C LYS A 17 21.33 -7.74 7.99
N TYR A 18 21.00 -9.01 8.21
CA TYR A 18 20.36 -9.42 9.44
C TYR A 18 21.26 -10.11 10.46
N ASP A 19 20.83 -10.06 11.71
CA ASP A 19 21.51 -10.73 12.83
C ASP A 19 20.75 -12.06 12.92
N PRO A 20 21.42 -13.18 12.59
CA PRO A 20 20.77 -14.50 12.62
C PRO A 20 20.47 -15.05 14.02
N SER A 21 20.94 -14.38 15.05
CA SER A 21 20.71 -14.85 16.39
C SER A 21 19.46 -14.27 17.04
N LYS A 22 18.77 -13.38 16.32
CA LYS A 22 17.60 -12.72 16.86
C LYS A 22 16.34 -13.05 16.07
N LYS A 23 15.29 -13.43 16.79
CA LYS A 23 14.02 -13.76 16.18
C LYS A 23 12.93 -12.83 16.70
N VAL A 24 11.89 -12.66 15.89
CA VAL A 24 10.74 -11.86 16.23
C VAL A 24 9.91 -12.74 17.16
N SER A 25 9.47 -12.17 18.27
CA SER A 25 8.69 -12.92 19.25
C SER A 25 7.33 -13.31 18.69
N GLN A 26 6.73 -14.35 19.26
CA GLN A 26 5.42 -14.80 18.80
C GLN A 26 4.37 -13.75 19.10
N GLU A 27 4.56 -12.96 20.17
CA GLU A 27 3.58 -11.92 20.51
C GLU A 27 3.61 -10.82 19.44
N ASP A 28 4.81 -10.39 19.03
CA ASP A 28 4.93 -9.36 18.00
C ASP A 28 4.44 -9.86 16.66
N LEU A 29 4.73 -11.13 16.34
CA LEU A 29 4.29 -11.71 15.07
C LEU A 29 2.78 -11.74 15.00
N ALA A 30 2.14 -12.06 16.12
CA ALA A 30 0.67 -12.11 16.14
C ALA A 30 0.06 -10.73 15.88
N VAL A 31 0.69 -9.68 16.40
CA VAL A 31 0.21 -8.32 16.17
C VAL A 31 0.36 -7.98 14.67
N LEU A 32 1.52 -8.26 14.11
CA LEU A 32 1.79 -8.02 12.69
C LEU A 32 0.79 -8.72 11.78
N LEU A 33 0.51 -10.00 12.04
CA LEU A 33 -0.44 -10.78 11.23
C LEU A 33 -1.87 -10.29 11.34
N GLU A 34 -2.28 -9.89 12.54
CA GLU A 34 -3.62 -9.37 12.73
C GLU A 34 -3.73 -8.02 12.00
N ALA A 35 -2.64 -7.25 12.03
CA ALA A 35 -2.59 -5.96 11.36
C ALA A 35 -2.77 -6.14 9.84
N LEU A 36 -2.15 -7.17 9.28
CA LEU A 36 -2.28 -7.47 7.85
C LEU A 36 -3.72 -7.83 7.53
N ARG A 37 -4.32 -8.68 8.35
CA ARG A 37 -5.69 -9.11 8.15
C ARG A 37 -6.67 -7.94 8.18
N LEU A 38 -6.38 -6.95 9.01
CA LEU A 38 -7.25 -5.77 9.13
C LEU A 38 -7.08 -4.72 8.04
N SER A 39 -6.17 -4.94 7.09
CA SER A 39 -5.94 -4.02 5.98
C SER A 39 -7.23 -3.78 5.15
N ALA A 40 -7.41 -2.55 4.71
CA ALA A 40 -8.57 -2.18 3.90
C ALA A 40 -8.30 -2.58 2.45
N SER A 41 -9.37 -2.76 1.68
CA SER A 41 -9.24 -3.12 0.27
C SER A 41 -10.51 -2.70 -0.42
N SER A 42 -10.42 -2.48 -1.73
CA SER A 42 -11.58 -2.07 -2.51
C SER A 42 -12.68 -3.11 -2.34
N ILE A 43 -13.87 -2.63 -2.01
CA ILE A 43 -15.08 -3.43 -1.76
C ILE A 43 -14.91 -4.58 -0.71
N ASN A 44 -13.88 -4.46 0.14
CA ASN A 44 -13.54 -5.46 1.16
C ASN A 44 -13.26 -6.82 0.49
N SER A 45 -12.77 -6.78 -0.73
CA SER A 45 -12.47 -7.97 -1.49
C SER A 45 -11.38 -8.84 -0.88
N GLN A 46 -10.41 -8.21 -0.19
CA GLN A 46 -9.30 -8.91 0.43
C GLN A 46 -8.78 -10.01 -0.53
N PRO A 47 -8.37 -9.63 -1.76
CA PRO A 47 -7.88 -10.58 -2.77
C PRO A 47 -6.44 -10.96 -2.55
N TRP A 48 -6.14 -11.39 -1.33
CA TRP A 48 -4.78 -11.70 -0.98
C TRP A 48 -4.64 -12.92 -0.08
N LYS A 49 -3.39 -13.31 0.10
CA LYS A 49 -3.02 -14.41 0.97
C LYS A 49 -1.61 -14.04 1.46
N PHE A 50 -1.37 -14.14 2.76
CA PHE A 50 -0.07 -13.83 3.33
C PHE A 50 0.54 -15.13 3.80
N ILE A 51 1.61 -15.54 3.13
CA ILE A 51 2.29 -16.77 3.46
C ILE A 51 3.52 -16.47 4.29
N VAL A 52 3.52 -16.98 5.51
CA VAL A 52 4.62 -16.76 6.44
C VAL A 52 5.61 -17.93 6.41
N ILE A 53 6.85 -17.62 6.08
CA ILE A 53 7.92 -18.58 6.01
C ILE A 53 8.59 -18.52 7.38
N GLU A 54 8.31 -19.51 8.20
CA GLU A 54 8.86 -19.55 9.56
C GLU A 54 9.82 -20.69 9.84
N SER A 55 9.44 -21.92 9.49
CA SER A 55 10.27 -23.09 9.75
C SER A 55 11.54 -23.14 8.94
N ASP A 56 12.51 -23.91 9.40
CA ASP A 56 13.75 -24.07 8.66
C ASP A 56 13.47 -24.70 7.29
N ALA A 57 12.51 -25.62 7.24
CA ALA A 57 12.15 -26.30 6.00
C ALA A 57 11.60 -25.27 5.01
N ALA A 58 10.73 -24.38 5.50
CA ALA A 58 10.16 -23.35 4.66
C ALA A 58 11.24 -22.34 4.24
N LYS A 59 12.19 -22.06 5.12
CA LYS A 59 13.26 -21.13 4.79
C LYS A 59 14.11 -21.70 3.66
N GLN A 60 14.31 -23.02 3.67
CA GLN A 60 15.10 -23.65 2.62
C GLN A 60 14.43 -23.49 1.25
N ARG A 61 13.13 -23.70 1.21
CA ARG A 61 12.34 -23.58 -0.01
C ARG A 61 12.41 -22.16 -0.54
N MET A 62 12.31 -21.19 0.37
CA MET A 62 12.38 -19.78 -0.02
C MET A 62 13.79 -19.46 -0.52
N HIS A 63 14.80 -20.00 0.15
CA HIS A 63 16.18 -19.80 -0.24
C HIS A 63 16.40 -20.30 -1.68
N ASP A 64 15.83 -21.45 -1.99
CA ASP A 64 15.95 -22.06 -3.31
C ASP A 64 15.25 -21.30 -4.43
N SER A 65 14.31 -20.42 -4.09
CA SER A 65 13.61 -19.65 -5.13
C SER A 65 14.51 -18.59 -5.80
N PHE A 66 15.74 -18.45 -5.31
CA PHE A 66 16.70 -17.49 -5.87
C PHE A 66 17.76 -18.18 -6.71
N ALA A 67 17.49 -19.41 -7.12
CA ALA A 67 18.44 -20.17 -7.91
C ALA A 67 18.78 -19.51 -9.25
N ASN A 68 17.79 -18.85 -9.84
CA ASN A 68 17.97 -18.21 -11.14
C ASN A 68 18.19 -16.70 -11.19
N MET A 69 17.62 -15.94 -10.26
CA MET A 69 17.77 -14.48 -10.30
C MET A 69 17.64 -13.78 -8.96
N HIS A 70 18.07 -12.52 -8.94
CA HIS A 70 17.99 -11.66 -7.78
C HIS A 70 18.72 -12.23 -6.58
N GLN A 71 19.90 -12.77 -6.83
CA GLN A 71 20.70 -13.38 -5.78
C GLN A 71 21.16 -12.41 -4.69
N PHE A 72 21.09 -11.10 -4.93
CA PHE A 72 21.49 -10.12 -3.93
C PHE A 72 20.55 -10.14 -2.72
N ASN A 73 19.33 -10.63 -2.92
CA ASN A 73 18.36 -10.73 -1.85
C ASN A 73 18.42 -12.07 -1.13
N GLN A 74 19.09 -13.05 -1.72
CA GLN A 74 19.12 -14.40 -1.14
C GLN A 74 19.68 -14.59 0.28
N PRO A 75 20.78 -13.91 0.65
CA PRO A 75 21.37 -14.06 1.99
C PRO A 75 20.45 -13.73 3.16
N HIS A 76 19.47 -12.86 2.93
CA HIS A 76 18.55 -12.48 4.00
C HIS A 76 17.62 -13.59 4.43
N ILE A 77 17.29 -14.50 3.51
CA ILE A 77 16.30 -15.55 3.80
C ILE A 77 16.64 -16.36 5.04
N LYS A 78 17.83 -16.92 5.09
CA LYS A 78 18.19 -17.71 6.23
C LYS A 78 18.60 -16.89 7.45
N ALA A 79 19.13 -15.70 7.22
CA ALA A 79 19.56 -14.83 8.31
C ALA A 79 18.45 -14.13 9.08
N CYS A 80 17.38 -13.74 8.41
CA CYS A 80 16.28 -13.04 9.05
C CYS A 80 15.44 -13.97 9.89
N SER A 81 14.43 -13.41 10.55
CA SER A 81 13.54 -14.16 11.42
C SER A 81 12.42 -14.88 10.61
N HIS A 82 11.66 -14.12 9.85
CA HIS A 82 10.53 -14.65 9.06
C HIS A 82 10.47 -13.93 7.72
N VAL A 83 9.91 -14.58 6.71
CA VAL A 83 9.72 -13.96 5.40
C VAL A 83 8.23 -14.07 5.14
N ILE A 84 7.60 -12.98 4.68
CA ILE A 84 6.17 -13.01 4.40
C ILE A 84 5.97 -12.75 2.91
N LEU A 85 5.22 -13.63 2.24
CA LEU A 85 4.95 -13.47 0.83
C LEU A 85 3.60 -12.79 0.67
N PHE A 86 3.57 -11.70 -0.11
CA PHE A 86 2.31 -10.99 -0.34
C PHE A 86 1.78 -11.49 -1.67
N ALA A 87 0.78 -12.36 -1.62
CA ALA A 87 0.19 -12.93 -2.84
C ALA A 87 -1.12 -12.26 -3.21
N ASN A 88 -1.34 -12.01 -4.50
CA ASN A 88 -2.58 -11.39 -4.96
C ASN A 88 -3.29 -12.37 -5.89
N LYS A 89 -4.61 -12.46 -5.79
CA LYS A 89 -5.39 -13.38 -6.59
C LYS A 89 -5.42 -13.07 -8.09
N LEU A 90 -5.25 -14.13 -8.89
CA LEU A 90 -5.26 -14.00 -10.34
C LEU A 90 -6.60 -13.58 -10.90
N SER A 91 -7.66 -14.26 -10.52
CA SER A 91 -8.98 -13.87 -10.98
C SER A 91 -9.91 -13.89 -9.78
N TYR A 92 -10.72 -12.83 -9.64
CA TYR A 92 -11.65 -12.69 -8.53
C TYR A 92 -13.08 -12.94 -9.02
N THR A 93 -13.73 -13.95 -8.46
CA THR A 93 -15.07 -14.33 -8.87
C THR A 93 -16.16 -14.03 -7.84
N ARG A 94 -17.39 -14.42 -8.18
CA ARG A 94 -18.55 -14.25 -7.32
C ARG A 94 -18.41 -15.16 -6.12
N ASP A 95 -17.83 -16.34 -6.35
CA ASP A 95 -17.64 -17.30 -5.28
C ASP A 95 -16.70 -16.71 -4.26
N ASP A 96 -15.68 -16.03 -4.77
CA ASP A 96 -14.70 -15.38 -3.92
C ASP A 96 -15.39 -14.31 -3.12
N TYR A 97 -16.18 -13.49 -3.78
CA TYR A 97 -16.88 -12.43 -3.06
C TYR A 97 -17.92 -12.99 -2.10
N ASP A 98 -18.39 -14.20 -2.40
CA ASP A 98 -19.36 -14.86 -1.55
C ASP A 98 -18.76 -15.12 -0.16
N VAL A 99 -17.49 -15.51 -0.14
CA VAL A 99 -16.77 -15.77 1.12
C VAL A 99 -16.69 -14.48 1.96
N VAL A 100 -16.54 -13.34 1.29
CA VAL A 100 -16.47 -12.04 1.96
C VAL A 100 -17.82 -11.68 2.56
N LEU A 101 -18.85 -11.76 1.73
CA LEU A 101 -20.22 -11.43 2.15
C LEU A 101 -20.76 -12.40 3.20
N SER A 102 -20.34 -13.65 3.13
CA SER A 102 -20.78 -14.64 4.10
C SER A 102 -20.18 -14.36 5.46
N LYS A 103 -18.90 -13.95 5.48
CA LYS A 103 -18.21 -13.62 6.72
C LYS A 103 -18.78 -12.32 7.30
N ALA A 104 -19.26 -11.46 6.40
CA ALA A 104 -19.85 -10.19 6.79
C ALA A 104 -21.12 -10.45 7.56
N VAL A 105 -21.90 -11.43 7.12
CA VAL A 105 -23.13 -11.73 7.83
C VAL A 105 -22.79 -12.36 9.17
N ALA A 106 -21.82 -13.27 9.18
CA ALA A 106 -21.41 -13.94 10.41
C ALA A 106 -20.87 -12.93 11.43
N ASP A 107 -20.28 -11.85 10.94
CA ASP A 107 -19.72 -10.82 11.81
C ASP A 107 -20.80 -9.85 12.25
N LYS A 108 -22.01 -10.09 11.75
CA LYS A 108 -23.18 -9.27 12.09
C LYS A 108 -23.09 -7.87 11.50
N ARG A 109 -22.24 -7.72 10.49
CA ARG A 109 -22.08 -6.44 9.81
C ARG A 109 -23.29 -6.25 8.90
N ILE A 110 -23.76 -7.36 8.33
CA ILE A 110 -24.95 -7.36 7.46
C ILE A 110 -25.80 -8.60 7.68
N THR A 111 -27.04 -8.56 7.18
CA THR A 111 -27.95 -9.68 7.31
C THR A 111 -27.93 -10.55 6.04
N GLU A 112 -28.54 -11.73 6.16
CA GLU A 112 -28.61 -12.69 5.07
C GLU A 112 -29.33 -12.14 3.83
N GLU A 113 -30.42 -11.42 4.07
CA GLU A 113 -31.20 -10.83 2.99
C GLU A 113 -30.46 -9.64 2.41
N GLN A 114 -29.74 -8.94 3.27
CA GLN A 114 -28.98 -7.77 2.85
C GLN A 114 -27.77 -8.21 2.04
N LYS A 115 -27.33 -9.44 2.28
CA LYS A 115 -26.19 -10.03 1.60
C LYS A 115 -26.30 -9.97 0.08
N GLU A 116 -27.47 -10.32 -0.44
CA GLU A 116 -27.72 -10.34 -1.87
C GLU A 116 -27.71 -8.93 -2.48
N ALA A 117 -28.10 -7.95 -1.67
CA ALA A 117 -28.12 -6.55 -2.10
C ALA A 117 -26.67 -6.03 -2.04
N ALA A 118 -25.94 -6.50 -1.04
CA ALA A 118 -24.54 -6.14 -0.83
C ALA A 118 -23.68 -6.68 -1.96
N PHE A 119 -24.24 -7.64 -2.71
CA PHE A 119 -23.52 -8.24 -3.84
C PHE A 119 -23.40 -7.28 -5.02
N ALA A 120 -24.13 -6.18 -4.95
CA ALA A 120 -24.14 -5.15 -6.00
C ALA A 120 -22.87 -4.31 -6.10
N SER A 121 -21.91 -4.59 -5.23
CA SER A 121 -20.63 -3.87 -5.20
C SER A 121 -19.65 -4.58 -6.14
N PHE A 122 -20.06 -5.75 -6.59
CA PHE A 122 -19.26 -6.57 -7.50
C PHE A 122 -18.98 -5.91 -8.85
N LYS A 123 -19.71 -4.82 -9.15
CA LYS A 123 -19.54 -4.06 -10.40
C LYS A 123 -18.07 -3.70 -10.53
N PHE A 124 -17.45 -3.40 -9.39
CA PHE A 124 -16.04 -3.04 -9.35
C PHE A 124 -15.15 -4.14 -9.88
N VAL A 125 -15.44 -5.39 -9.53
CA VAL A 125 -14.63 -6.51 -10.00
C VAL A 125 -14.73 -6.65 -11.51
N GLU A 126 -15.97 -6.73 -12.02
CA GLU A 126 -16.23 -6.85 -13.46
C GLU A 126 -15.58 -5.68 -14.20
N LEU A 127 -15.57 -4.54 -13.52
CA LEU A 127 -15.01 -3.28 -14.01
C LEU A 127 -13.51 -3.39 -14.23
N ASN A 128 -12.88 -4.33 -13.52
CA ASN A 128 -11.44 -4.55 -13.61
C ASN A 128 -11.02 -5.90 -14.24
N CYS A 129 -11.94 -6.48 -15.02
CA CYS A 129 -11.70 -7.75 -15.70
C CYS A 129 -10.87 -7.64 -16.97
N ASP A 130 -9.82 -8.46 -17.05
CA ASP A 130 -8.91 -8.52 -18.20
C ASP A 130 -9.58 -9.16 -19.43
N GLU A 131 -8.92 -9.04 -20.57
CA GLU A 131 -9.42 -9.66 -21.80
C GLU A 131 -9.11 -11.16 -21.69
N ASN A 132 -8.37 -11.49 -20.63
CA ASN A 132 -7.97 -12.86 -20.30
C ASN A 132 -8.79 -13.31 -19.09
N GLY A 133 -9.74 -12.46 -18.66
CA GLY A 133 -10.56 -12.78 -17.50
C GLY A 133 -9.79 -12.78 -16.18
N GLU A 134 -8.67 -12.06 -16.14
CA GLU A 134 -7.85 -11.97 -14.92
C GLU A 134 -7.94 -10.58 -14.32
N HIS A 135 -7.87 -10.50 -13.00
CA HIS A 135 -8.00 -9.22 -12.33
C HIS A 135 -6.74 -8.83 -11.62
N LYS A 136 -5.63 -9.45 -11.98
CA LYS A 136 -4.36 -9.18 -11.32
C LYS A 136 -3.86 -7.75 -11.29
N ALA A 137 -4.27 -6.92 -12.25
CA ALA A 137 -3.85 -5.52 -12.29
C ALA A 137 -4.60 -4.68 -11.23
N TRP A 138 -5.69 -5.25 -10.74
CA TRP A 138 -6.50 -4.64 -9.72
C TRP A 138 -6.20 -5.25 -8.33
N THR A 139 -5.94 -6.56 -8.28
CA THR A 139 -5.67 -7.21 -7.00
C THR A 139 -4.27 -6.93 -6.47
N LYS A 140 -3.28 -6.83 -7.36
CA LYS A 140 -1.91 -6.57 -6.96
C LYS A 140 -1.82 -5.24 -6.15
N PRO A 141 -2.44 -4.14 -6.64
CA PRO A 141 -2.39 -2.88 -5.89
C PRO A 141 -2.98 -3.01 -4.47
N GLN A 142 -3.99 -3.88 -4.30
CA GLN A 142 -4.61 -4.09 -2.98
C GLN A 142 -3.58 -4.74 -2.04
N ALA A 143 -2.77 -5.65 -2.57
CA ALA A 143 -1.75 -6.31 -1.77
C ALA A 143 -0.67 -5.31 -1.36
N TYR A 144 -0.36 -4.36 -2.25
CA TYR A 144 0.63 -3.31 -1.96
C TYR A 144 0.11 -2.36 -0.87
N LEU A 145 -1.21 -2.19 -0.79
CA LEU A 145 -1.81 -1.37 0.24
C LEU A 145 -1.53 -2.08 1.58
N ALA A 146 -1.75 -3.40 1.61
CA ALA A 146 -1.51 -4.19 2.81
C ALA A 146 -0.02 -4.11 3.19
N LEU A 147 0.85 -4.05 2.18
CA LEU A 147 2.29 -3.95 2.44
C LEU A 147 2.62 -2.59 3.07
N GLY A 148 1.98 -1.52 2.59
CA GLY A 148 2.23 -0.19 3.16
C GLY A 148 1.82 -0.17 4.61
N ASN A 149 0.73 -0.90 4.89
CA ASN A 149 0.20 -1.02 6.24
C ASN A 149 1.21 -1.78 7.11
N ALA A 150 1.76 -2.85 6.56
CA ALA A 150 2.74 -3.67 7.27
C ALA A 150 4.03 -2.89 7.61
N LEU A 151 4.52 -2.08 6.67
CA LEU A 151 5.73 -1.33 6.92
C LEU A 151 5.54 -0.32 8.04
N HIS A 152 4.36 0.28 8.11
CA HIS A 152 4.08 1.24 9.17
C HIS A 152 3.97 0.46 10.50
N THR A 153 3.33 -0.70 10.47
CA THR A 153 3.15 -1.53 11.66
C THR A 153 4.51 -1.97 12.24
N LEU A 154 5.42 -2.36 11.36
CA LEU A 154 6.75 -2.79 11.77
C LEU A 154 7.56 -1.66 12.38
N ALA A 155 7.36 -0.45 11.88
CA ALA A 155 8.06 0.73 12.41
C ALA A 155 7.62 0.96 13.87
N ARG A 156 6.33 0.75 14.16
CA ARG A 156 5.79 0.91 15.51
C ARG A 156 6.27 -0.18 16.48
N LEU A 157 6.53 -1.37 15.94
CA LEU A 157 7.01 -2.51 16.75
C LEU A 157 8.54 -2.54 16.88
N ASN A 158 9.20 -1.64 16.17
CA ASN A 158 10.67 -1.56 16.19
C ASN A 158 11.33 -2.85 15.74
N ILE A 159 10.83 -3.37 14.64
CA ILE A 159 11.33 -4.59 14.04
C ILE A 159 11.87 -4.16 12.67
N ASP A 160 13.05 -4.63 12.32
CA ASP A 160 13.67 -4.31 11.05
C ASP A 160 13.09 -5.15 9.91
N SER A 161 13.18 -4.63 8.69
CA SER A 161 12.62 -5.34 7.53
C SER A 161 13.25 -4.97 6.20
N THR A 162 13.02 -5.83 5.20
CA THR A 162 13.53 -5.63 3.85
C THR A 162 12.44 -6.05 2.87
N THR A 163 11.84 -5.08 2.19
CA THR A 163 10.82 -5.37 1.20
C THR A 163 11.59 -5.88 -0.01
N MET A 164 11.03 -6.85 -0.74
CA MET A 164 11.75 -7.40 -1.87
C MET A 164 10.92 -7.65 -3.12
N GLU A 165 11.21 -6.90 -4.18
CA GLU A 165 10.55 -7.12 -5.47
C GLU A 165 11.53 -7.95 -6.30
N GLY A 166 12.76 -8.05 -5.80
CA GLY A 166 13.81 -8.81 -6.46
C GLY A 166 13.64 -10.27 -6.10
N ILE A 167 12.54 -10.85 -6.57
CA ILE A 167 12.21 -12.25 -6.35
C ILE A 167 11.82 -12.88 -7.71
N ASP A 168 11.68 -14.21 -7.73
CA ASP A 168 11.34 -14.92 -8.95
C ASP A 168 9.92 -15.50 -8.82
N PRO A 169 8.91 -14.77 -9.34
CA PRO A 169 7.51 -15.18 -9.27
C PRO A 169 7.23 -16.55 -9.90
N GLU A 170 7.93 -16.88 -10.97
CA GLU A 170 7.72 -18.16 -11.64
C GLU A 170 8.23 -19.29 -10.76
N LEU A 171 9.46 -19.19 -10.29
CA LEU A 171 10.02 -20.21 -9.43
C LEU A 171 9.23 -20.30 -8.09
N LEU A 172 8.77 -19.17 -7.57
CA LEU A 172 7.98 -19.20 -6.34
C LEU A 172 6.71 -20.01 -6.55
N SER A 173 6.10 -19.88 -7.74
CA SER A 173 4.87 -20.60 -8.04
C SER A 173 5.02 -22.13 -8.11
N GLU A 174 6.26 -22.58 -8.35
CA GLU A 174 6.59 -24.01 -8.43
C GLU A 174 6.93 -24.53 -7.06
N ILE A 175 7.79 -23.80 -6.36
CA ILE A 175 8.20 -24.18 -5.03
C ILE A 175 7.04 -24.17 -4.02
N PHE A 176 6.16 -23.17 -4.11
CA PHE A 176 5.00 -23.06 -3.23
C PHE A 176 3.75 -23.31 -4.04
N ALA A 177 3.80 -24.41 -4.81
CA ALA A 177 2.73 -24.83 -5.71
C ALA A 177 1.34 -24.82 -5.16
N ASP A 178 1.14 -25.53 -4.06
CA ASP A 178 -0.19 -25.59 -3.50
C ASP A 178 -0.63 -24.31 -2.78
N GLU A 179 0.29 -23.65 -2.12
CA GLU A 179 -0.03 -22.43 -1.37
C GLU A 179 -0.38 -21.26 -2.27
N LEU A 180 0.27 -21.17 -3.41
CA LEU A 180 0.05 -20.08 -4.36
C LEU A 180 -0.90 -20.40 -5.52
N LYS A 181 -1.56 -21.55 -5.46
CA LYS A 181 -2.48 -21.92 -6.53
C LYS A 181 -3.61 -20.90 -6.63
N GLY A 182 -3.71 -20.25 -7.78
CA GLY A 182 -4.76 -19.24 -8.00
C GLY A 182 -4.28 -17.83 -7.66
N TYR A 183 -3.01 -17.72 -7.29
CA TYR A 183 -2.42 -16.44 -6.90
C TYR A 183 -1.08 -16.27 -7.59
N GLU A 184 -0.52 -15.08 -7.46
CA GLU A 184 0.81 -14.78 -7.96
C GLU A 184 1.47 -13.98 -6.86
N CYS A 185 2.80 -13.99 -6.80
CA CYS A 185 3.49 -13.24 -5.77
C CYS A 185 4.58 -12.42 -6.39
N HIS A 186 4.46 -11.10 -6.26
CA HIS A 186 5.44 -10.18 -6.82
C HIS A 186 6.26 -9.43 -5.80
N VAL A 187 5.95 -9.61 -4.53
CA VAL A 187 6.69 -8.92 -3.48
C VAL A 187 6.69 -9.74 -2.19
N ALA A 188 7.83 -9.75 -1.53
CA ALA A 188 8.01 -10.46 -0.28
C ALA A 188 8.59 -9.49 0.75
N LEU A 189 8.54 -9.88 2.01
CA LEU A 189 9.04 -9.01 3.07
C LEU A 189 9.80 -9.80 4.12
N ALA A 190 11.10 -9.57 4.25
CA ALA A 190 11.88 -10.21 5.31
C ALA A 190 11.80 -9.31 6.54
N ILE A 191 11.66 -9.93 7.71
CA ILE A 191 11.60 -9.18 8.98
C ILE A 191 12.60 -9.82 9.95
N GLY A 192 13.11 -9.04 10.89
CA GLY A 192 14.06 -9.57 11.85
C GLY A 192 14.75 -8.41 12.53
N TYR A 193 16.02 -8.59 12.85
CA TYR A 193 16.78 -7.55 13.53
C TYR A 193 18.06 -7.39 12.75
N HIS A 194 18.41 -6.15 12.44
CA HIS A 194 19.60 -5.86 11.65
C HIS A 194 20.90 -6.22 12.34
N HIS A 195 21.89 -6.58 11.53
CA HIS A 195 23.20 -6.92 12.03
C HIS A 195 23.74 -5.66 12.70
N PRO A 196 24.20 -5.77 13.94
CA PRO A 196 24.74 -4.67 14.75
C PRO A 196 25.84 -3.84 14.11
N SER A 197 26.65 -4.43 13.25
CA SER A 197 27.73 -3.67 12.64
C SER A 197 27.92 -3.83 11.12
N GLU A 198 27.22 -4.78 10.51
CA GLU A 198 27.36 -4.98 9.07
C GLU A 198 26.21 -4.49 8.21
N ASP A 199 25.16 -3.96 8.84
CA ASP A 199 24.05 -3.40 8.06
C ASP A 199 24.42 -1.93 7.78
N TYR A 200 25.08 -1.69 6.65
CA TYR A 200 25.53 -0.36 6.24
C TYR A 200 24.42 0.67 6.09
N ASN A 201 23.23 0.19 5.71
CA ASN A 201 22.13 1.11 5.49
C ASN A 201 21.58 1.71 6.79
N ALA A 202 21.94 1.11 7.92
CA ALA A 202 21.47 1.57 9.21
C ALA A 202 22.00 2.95 9.60
N SER A 203 23.16 3.31 9.05
CA SER A 203 23.75 4.60 9.36
C SER A 203 23.73 5.63 8.22
N LEU A 204 23.09 5.29 7.10
CA LEU A 204 22.99 6.20 5.96
C LEU A 204 21.75 7.06 6.13
N PRO A 205 21.80 8.34 5.69
CA PRO A 205 20.65 9.24 5.81
C PRO A 205 19.55 8.78 4.87
N LYS A 206 18.29 9.02 5.25
CA LYS A 206 17.16 8.68 4.40
C LYS A 206 17.05 9.82 3.38
N SER A 207 16.70 9.46 2.14
CA SER A 207 16.56 10.45 1.10
C SER A 207 15.24 10.32 0.37
N ARG A 208 14.52 11.43 0.26
CA ARG A 208 13.25 11.51 -0.45
C ARG A 208 13.22 12.81 -1.24
N LYS A 209 12.34 12.89 -2.24
CA LYS A 209 12.20 14.08 -3.06
C LYS A 209 11.68 15.26 -2.23
N ALA A 210 12.01 16.47 -2.69
CA ALA A 210 11.58 17.69 -2.04
C ALA A 210 10.07 17.68 -1.95
N PHE A 211 9.55 18.20 -0.85
CA PHE A 211 8.12 18.30 -0.63
C PHE A 211 7.41 18.89 -1.84
N GLU A 212 7.98 19.95 -2.41
CA GLU A 212 7.39 20.62 -3.57
C GLU A 212 7.33 19.77 -4.83
N ASP A 213 8.23 18.80 -4.94
CA ASP A 213 8.30 17.91 -6.10
C ASP A 213 7.23 16.82 -6.08
N VAL A 214 6.75 16.45 -4.91
CA VAL A 214 5.75 15.39 -4.80
C VAL A 214 4.37 15.80 -4.31
N ILE A 215 4.26 16.97 -3.71
CA ILE A 215 2.99 17.45 -3.18
C ILE A 215 2.56 18.80 -3.77
N THR A 216 1.31 18.86 -4.20
CA THR A 216 0.75 20.07 -4.79
C THR A 216 -0.52 20.37 -4.01
N ILE A 217 -0.64 21.60 -3.49
CA ILE A 217 -1.84 21.98 -2.76
C ILE A 217 -2.65 22.97 -3.59
N LEU A 218 -3.89 22.61 -3.87
CA LEU A 218 -4.78 23.43 -4.70
C LEU A 218 -5.95 24.04 -3.93
N THR B 2 -6.25 -2.92 25.12
CA THR B 2 -5.94 -3.41 23.74
C THR B 2 -4.57 -2.91 23.33
N HIS B 3 -3.88 -3.72 22.54
CA HIS B 3 -2.57 -3.34 22.03
C HIS B 3 -2.82 -2.07 21.20
N PRO B 4 -1.98 -1.04 21.36
CA PRO B 4 -2.13 0.24 20.62
C PRO B 4 -2.30 0.09 19.10
N ILE B 5 -1.50 -0.78 18.48
CA ILE B 5 -1.59 -0.98 17.04
C ILE B 5 -2.92 -1.58 16.62
N ILE B 6 -3.35 -2.61 17.35
CA ILE B 6 -4.60 -3.27 17.06
C ILE B 6 -5.79 -2.36 17.29
N HIS B 7 -5.73 -1.57 18.36
CA HIS B 7 -6.81 -0.63 18.64
C HIS B 7 -6.99 0.34 17.48
N ASP B 8 -5.89 0.89 16.97
CA ASP B 8 -5.95 1.84 15.86
C ASP B 8 -6.55 1.21 14.62
N LEU B 9 -6.13 -0.01 14.29
CA LEU B 9 -6.62 -0.70 13.09
C LEU B 9 -8.04 -1.26 13.21
N GLU B 10 -8.48 -1.53 14.43
CA GLU B 10 -9.84 -2.00 14.63
C GLU B 10 -10.79 -0.83 14.66
N ASN B 11 -10.30 0.35 15.05
CA ASN B 11 -11.17 1.49 15.13
C ASN B 11 -11.29 2.39 13.92
N ARG B 12 -10.32 2.32 13.01
CA ARG B 12 -10.39 3.10 11.76
C ARG B 12 -11.43 2.37 10.88
N TYR B 13 -12.09 3.12 10.01
CA TYR B 13 -13.10 2.56 9.13
C TYR B 13 -13.37 3.53 7.98
N THR B 14 -14.14 3.09 7.01
CA THR B 14 -14.49 3.93 5.87
C THR B 14 -15.75 4.76 6.21
N SER B 15 -15.55 6.06 6.41
CA SER B 15 -16.65 6.96 6.71
C SER B 15 -17.57 7.10 5.49
N LYS B 16 -18.88 7.12 5.74
CA LYS B 16 -19.85 7.26 4.65
C LYS B 16 -20.61 8.60 4.69
N LYS B 17 -20.19 9.53 5.54
CA LYS B 17 -20.85 10.83 5.66
C LYS B 17 -19.99 11.76 6.53
N TYR B 18 -19.70 12.95 6.03
CA TYR B 18 -18.88 13.90 6.74
C TYR B 18 -19.64 15.03 7.41
N ASP B 19 -18.99 15.65 8.38
CA ASP B 19 -19.51 16.80 9.12
C ASP B 19 -18.83 17.96 8.38
N PRO B 20 -19.60 18.77 7.64
CA PRO B 20 -19.09 19.92 6.86
C PRO B 20 -18.57 21.12 7.66
N SER B 21 -18.71 21.07 8.99
CA SER B 21 -18.26 22.16 9.82
C SER B 21 -16.95 21.89 10.57
N LYS B 22 -16.33 20.73 10.28
CA LYS B 22 -15.07 20.35 10.91
C LYS B 22 -13.99 20.15 9.88
N LYS B 23 -12.87 20.84 10.10
CA LYS B 23 -11.73 20.76 9.21
C LYS B 23 -10.52 20.17 9.92
N VAL B 24 -9.65 19.54 9.14
CA VAL B 24 -8.41 18.97 9.63
C VAL B 24 -7.48 20.18 9.85
N SER B 25 -6.82 20.22 11.00
CA SER B 25 -5.91 21.31 11.32
C SER B 25 -4.68 21.32 10.42
N GLN B 26 -4.05 22.48 10.29
CA GLN B 26 -2.87 22.57 9.45
C GLN B 26 -1.72 21.77 10.05
N GLU B 27 -1.72 21.64 11.37
CA GLU B 27 -0.69 20.89 12.10
C GLU B 27 -0.81 19.38 11.72
N ASP B 28 -2.02 18.84 11.78
CA ASP B 28 -2.25 17.45 11.42
C ASP B 28 -2.04 17.19 9.92
N LEU B 29 -2.46 18.13 9.08
CA LEU B 29 -2.27 17.95 7.64
C LEU B 29 -0.79 17.88 7.30
N ALA B 30 0.02 18.70 7.95
CA ALA B 30 1.45 18.70 7.70
C ALA B 30 2.09 17.36 8.06
N VAL B 31 1.62 16.73 9.14
CA VAL B 31 2.13 15.42 9.55
C VAL B 31 1.75 14.37 8.50
N LEU B 32 0.50 14.40 8.06
CA LEU B 32 0.03 13.47 7.04
C LEU B 32 0.83 13.58 5.73
N LEU B 33 1.08 14.80 5.27
CA LEU B 33 1.81 15.02 4.02
C LEU B 33 3.27 14.61 4.12
N GLU B 34 3.90 14.84 5.26
CA GLU B 34 5.28 14.42 5.44
C GLU B 34 5.31 12.87 5.50
N ALA B 35 4.29 12.27 6.10
CA ALA B 35 4.20 10.82 6.21
C ALA B 35 4.10 10.21 4.80
N LEU B 36 3.34 10.86 3.92
CA LEU B 36 3.22 10.40 2.53
C LEU B 36 4.56 10.48 1.82
N ARG B 37 5.25 11.61 2.01
CA ARG B 37 6.54 11.82 1.39
C ARG B 37 7.57 10.77 1.82
N LEU B 38 7.48 10.35 3.07
CA LEU B 38 8.42 9.36 3.61
C LEU B 38 8.12 7.90 3.23
N SER B 39 7.06 7.68 2.46
CA SER B 39 6.68 6.33 2.04
C SER B 39 7.79 5.65 1.24
N ALA B 40 7.96 4.34 1.44
CA ALA B 40 8.97 3.58 0.72
C ALA B 40 8.44 3.20 -0.65
N SER B 41 9.35 2.93 -1.57
CA SER B 41 8.95 2.52 -2.91
C SER B 41 10.11 1.76 -3.52
N SER B 42 9.81 0.91 -4.49
CA SER B 42 10.83 0.12 -5.16
C SER B 42 11.88 1.08 -5.72
N ILE B 43 13.16 0.78 -5.45
CA ILE B 43 14.33 1.56 -5.83
C ILE B 43 14.28 3.08 -5.47
N ASN B 44 13.44 3.42 -4.49
CA ASN B 44 13.24 4.81 -4.06
C ASN B 44 12.79 5.66 -5.25
N SER B 45 12.10 5.01 -6.18
CA SER B 45 11.62 5.68 -7.40
C SER B 45 10.62 6.80 -7.13
N GLN B 46 9.81 6.64 -6.08
CA GLN B 46 8.78 7.61 -5.70
C GLN B 46 8.08 8.11 -6.98
N PRO B 47 7.49 7.20 -7.76
CA PRO B 47 6.79 7.52 -9.02
C PRO B 47 5.38 8.03 -8.78
N TRP B 48 5.28 9.02 -7.88
CA TRP B 48 3.99 9.52 -7.50
C TRP B 48 3.93 11.03 -7.31
N LYS B 49 2.70 11.50 -7.14
CA LYS B 49 2.43 12.90 -6.89
C LYS B 49 1.16 12.88 -6.05
N PHE B 50 1.15 13.65 -4.96
CA PHE B 50 -0.03 13.71 -4.10
C PHE B 50 -0.62 15.11 -4.26
N ILE B 51 -1.80 15.17 -4.85
CA ILE B 51 -2.47 16.43 -5.08
C ILE B 51 -3.53 16.65 -4.03
N VAL B 52 -3.34 17.69 -3.24
CA VAL B 52 -4.26 18.03 -2.15
C VAL B 52 -5.29 19.06 -2.58
N ILE B 53 -6.56 18.67 -2.53
CA ILE B 53 -7.68 19.51 -2.88
C ILE B 53 -8.11 20.22 -1.59
N GLU B 54 -7.76 21.49 -1.45
CA GLU B 54 -8.05 22.23 -0.23
C GLU B 54 -8.99 23.43 -0.37
N SER B 55 -8.73 24.28 -1.36
CA SER B 55 -9.56 25.46 -1.59
C SER B 55 -10.95 25.14 -2.11
N ASP B 56 -11.87 26.08 -1.92
CA ASP B 56 -13.22 25.92 -2.41
C ASP B 56 -13.21 25.77 -3.94
N ALA B 57 -12.31 26.51 -4.59
CA ALA B 57 -12.17 26.45 -6.04
C ALA B 57 -11.76 25.05 -6.47
N ALA B 58 -10.76 24.48 -5.80
CA ALA B 58 -10.30 23.14 -6.11
C ALA B 58 -11.39 22.11 -5.79
N LYS B 59 -12.15 22.30 -4.71
CA LYS B 59 -13.22 21.39 -4.33
C LYS B 59 -14.30 21.34 -5.42
N GLN B 60 -14.56 22.49 -6.04
CA GLN B 60 -15.58 22.54 -7.10
C GLN B 60 -15.15 21.71 -8.30
N ARG B 61 -13.87 21.84 -8.68
CA ARG B 61 -13.30 21.09 -9.79
C ARG B 61 -13.40 19.59 -9.51
N MET B 62 -13.09 19.20 -8.28
CA MET B 62 -13.14 17.79 -7.89
C MET B 62 -14.60 17.31 -7.90
N HIS B 63 -15.50 18.17 -7.46
CA HIS B 63 -16.91 17.85 -7.42
C HIS B 63 -17.41 17.58 -8.84
N ASP B 64 -16.94 18.37 -9.79
CA ASP B 64 -17.34 18.23 -11.17
C ASP B 64 -16.82 16.98 -11.87
N SER B 65 -15.76 16.36 -11.34
CA SER B 65 -15.23 15.14 -11.95
C SER B 65 -16.17 13.92 -11.83
N PHE B 66 -17.27 14.07 -11.11
CA PHE B 66 -18.25 13.01 -10.93
C PHE B 66 -19.46 13.25 -11.83
N ALA B 67 -19.25 14.08 -12.84
CA ALA B 67 -20.30 14.47 -13.79
C ALA B 67 -21.05 13.29 -14.35
N ASN B 68 -20.32 12.32 -14.90
CA ASN B 68 -20.97 11.16 -15.48
C ASN B 68 -20.63 9.79 -14.91
N MET B 69 -20.02 9.74 -13.71
CA MET B 69 -19.61 8.46 -13.14
C MET B 69 -19.42 8.44 -11.63
N HIS B 70 -19.81 7.31 -11.02
CA HIS B 70 -19.68 7.07 -9.57
C HIS B 70 -20.16 8.21 -8.68
N GLN B 71 -21.40 8.60 -8.86
CA GLN B 71 -21.94 9.71 -8.09
C GLN B 71 -22.30 9.42 -6.64
N PHE B 72 -22.05 8.20 -6.17
CA PHE B 72 -22.30 7.87 -4.75
C PHE B 72 -21.18 8.44 -3.88
N ASN B 73 -20.02 8.70 -4.50
CA ASN B 73 -18.88 9.28 -3.81
C ASN B 73 -18.89 10.81 -3.86
N GLN B 74 -19.67 11.39 -4.76
CA GLN B 74 -19.70 12.84 -4.94
C GLN B 74 -20.03 13.75 -3.75
N PRO B 75 -21.00 13.36 -2.91
CA PRO B 75 -21.35 14.20 -1.76
C PRO B 75 -20.22 14.50 -0.79
N HIS B 76 -19.26 13.58 -0.70
CA HIS B 76 -18.14 13.72 0.23
C HIS B 76 -17.21 14.85 -0.11
N ILE B 77 -17.05 15.14 -1.39
CA ILE B 77 -16.11 16.17 -1.83
C ILE B 77 -16.27 17.51 -1.13
N LYS B 78 -17.47 18.07 -1.16
CA LYS B 78 -17.67 19.35 -0.51
C LYS B 78 -17.83 19.27 1.01
N ALA B 79 -18.34 18.14 1.50
CA ALA B 79 -18.55 17.97 2.94
C ALA B 79 -17.29 17.68 3.76
N CYS B 80 -16.33 16.99 3.17
CA CYS B 80 -15.11 16.63 3.89
C CYS B 80 -14.17 17.81 4.00
N SER B 81 -13.05 17.61 4.68
CA SER B 81 -12.08 18.67 4.87
C SER B 81 -11.15 18.83 3.65
N HIS B 82 -10.47 17.77 3.24
CA HIS B 82 -9.55 17.81 2.10
C HIS B 82 -9.69 16.51 1.32
N VAL B 83 -9.31 16.54 0.04
CA VAL B 83 -9.33 15.33 -0.78
C VAL B 83 -7.91 15.21 -1.28
N ILE B 84 -7.33 14.01 -1.27
CA ILE B 84 -5.97 13.83 -1.76
C ILE B 84 -6.01 12.85 -2.92
N LEU B 85 -5.41 13.25 -4.03
CA LEU B 85 -5.37 12.41 -5.22
C LEU B 85 -4.05 11.67 -5.24
N PHE B 86 -4.10 10.34 -5.37
CA PHE B 86 -2.88 9.55 -5.43
C PHE B 86 -2.60 9.29 -6.90
N ALA B 87 -1.62 10.00 -7.46
CA ALA B 87 -1.28 9.86 -8.86
C ALA B 87 -0.01 9.04 -9.05
N ASN B 88 0.00 8.18 -10.06
CA ASN B 88 1.17 7.37 -10.36
C ASN B 88 1.66 7.72 -11.76
N LYS B 89 2.98 7.76 -11.94
CA LYS B 89 3.56 8.12 -13.22
C LYS B 89 3.34 7.10 -14.35
N LEU B 90 2.99 7.62 -15.52
CA LEU B 90 2.74 6.79 -16.69
C LEU B 90 3.99 6.09 -17.17
N SER B 91 5.07 6.83 -17.38
CA SER B 91 6.30 6.20 -17.80
C SER B 91 7.43 6.76 -16.93
N TYR B 92 8.28 5.87 -16.42
CA TYR B 92 9.39 6.25 -15.56
C TYR B 92 10.68 6.14 -16.37
N THR B 93 11.39 7.24 -16.50
CA THR B 93 12.60 7.25 -17.30
C THR B 93 13.88 7.33 -16.49
N ARG B 94 15.01 7.25 -17.20
CA ARG B 94 16.33 7.32 -16.58
C ARG B 94 16.53 8.74 -16.04
N ASP B 95 15.87 9.71 -16.68
CA ASP B 95 15.93 11.10 -16.26
C ASP B 95 15.19 11.26 -14.95
N ASP B 96 14.03 10.62 -14.86
CA ASP B 96 13.23 10.65 -13.64
C ASP B 96 14.04 10.00 -12.51
N TYR B 97 14.78 8.95 -12.82
CA TYR B 97 15.56 8.27 -11.81
C TYR B 97 16.77 9.09 -11.40
N ASP B 98 17.31 9.85 -12.34
CA ASP B 98 18.45 10.69 -12.07
C ASP B 98 18.08 11.74 -11.00
N VAL B 99 16.84 12.20 -11.03
CA VAL B 99 16.34 13.18 -10.06
C VAL B 99 16.53 12.56 -8.66
N VAL B 100 16.20 11.28 -8.54
CA VAL B 100 16.32 10.56 -7.29
C VAL B 100 17.78 10.36 -6.90
N LEU B 101 18.60 9.87 -7.83
CA LEU B 101 20.02 9.62 -7.53
C LEU B 101 20.81 10.88 -7.20
N SER B 102 20.49 11.98 -7.88
CA SER B 102 21.16 13.25 -7.67
C SER B 102 20.87 13.76 -6.26
N LYS B 103 19.61 13.60 -5.84
CA LYS B 103 19.21 14.00 -4.49
C LYS B 103 19.90 13.09 -3.48
N ALA B 104 20.12 11.83 -3.85
CA ALA B 104 20.79 10.88 -2.96
C ALA B 104 22.24 11.29 -2.77
N VAL B 105 22.86 11.83 -3.83
CA VAL B 105 24.24 12.30 -3.72
C VAL B 105 24.28 13.54 -2.80
N ALA B 106 23.28 14.40 -2.94
CA ALA B 106 23.21 15.62 -2.11
C ALA B 106 22.97 15.31 -0.64
N ASP B 107 22.12 14.31 -0.37
CA ASP B 107 21.78 13.90 0.99
C ASP B 107 22.85 13.03 1.65
N LYS B 108 23.92 12.78 0.92
CA LYS B 108 25.05 12.01 1.40
C LYS B 108 24.89 10.50 1.58
N ARG B 109 23.98 9.86 0.84
CA ARG B 109 23.91 8.42 1.01
C ARG B 109 24.76 7.66 -0.02
N ILE B 110 25.02 8.29 -1.16
CA ILE B 110 25.88 7.71 -2.21
C ILE B 110 26.77 8.83 -2.74
N THR B 111 27.92 8.44 -3.27
CA THR B 111 28.85 9.41 -3.82
C THR B 111 28.66 9.44 -5.34
N GLU B 112 29.15 10.51 -5.97
CA GLU B 112 29.03 10.71 -7.40
C GLU B 112 29.42 9.49 -8.25
N GLU B 113 30.54 8.88 -7.93
CA GLU B 113 31.00 7.70 -8.67
C GLU B 113 30.04 6.53 -8.44
N GLN B 114 29.48 6.49 -7.24
CA GLN B 114 28.54 5.44 -6.87
C GLN B 114 27.22 5.66 -7.59
N LYS B 115 26.97 6.92 -7.96
CA LYS B 115 25.74 7.28 -8.65
C LYS B 115 25.58 6.48 -9.92
N GLU B 116 26.65 6.43 -10.69
CA GLU B 116 26.63 5.69 -11.94
C GLU B 116 26.42 4.22 -11.61
N ALA B 117 26.96 3.80 -10.48
CA ALA B 117 26.82 2.42 -10.02
C ALA B 117 25.41 2.15 -9.52
N ALA B 118 24.74 3.21 -9.07
CA ALA B 118 23.38 3.10 -8.54
C ALA B 118 22.39 2.94 -9.67
N PHE B 119 22.79 3.36 -10.87
CA PHE B 119 21.93 3.26 -12.06
C PHE B 119 21.60 1.83 -12.49
N ALA B 120 22.24 0.85 -11.83
CA ALA B 120 22.02 -0.58 -12.14
C ALA B 120 20.64 -1.02 -11.65
N SER B 121 20.18 -0.41 -10.56
CA SER B 121 18.88 -0.70 -9.98
C SER B 121 17.76 -0.34 -10.97
N PHE B 122 18.08 0.52 -11.94
CA PHE B 122 17.12 0.93 -12.95
C PHE B 122 16.64 -0.26 -13.78
N LYS B 123 17.34 -1.38 -13.62
CA LYS B 123 17.00 -2.63 -14.29
C LYS B 123 15.54 -2.92 -13.97
N PHE B 124 15.17 -2.73 -12.70
CA PHE B 124 13.82 -2.95 -12.22
C PHE B 124 12.77 -2.19 -13.01
N VAL B 125 13.13 -1.00 -13.49
CA VAL B 125 12.21 -0.18 -14.26
C VAL B 125 12.00 -0.79 -15.66
N GLU B 126 13.09 -1.26 -16.26
CA GLU B 126 13.06 -1.87 -17.60
C GLU B 126 12.31 -3.19 -17.59
N LEU B 127 12.38 -3.89 -16.46
CA LEU B 127 11.70 -5.16 -16.28
C LEU B 127 10.19 -4.99 -16.17
N ASN B 128 9.76 -3.73 -16.00
CA ASN B 128 8.35 -3.43 -15.85
C ASN B 128 7.74 -2.53 -16.93
N CYS B 129 8.32 -2.58 -18.13
CA CYS B 129 7.86 -1.78 -19.27
C CYS B 129 6.59 -2.34 -19.91
N ASP B 130 5.72 -1.45 -20.39
CA ASP B 130 4.46 -1.83 -21.03
C ASP B 130 4.66 -2.26 -22.47
N GLU B 131 3.58 -2.80 -23.05
CA GLU B 131 3.56 -3.20 -24.44
C GLU B 131 3.66 -1.88 -25.23
N ASN B 132 3.25 -0.79 -24.57
CA ASN B 132 3.26 0.55 -25.13
C ASN B 132 4.45 1.37 -24.67
N GLY B 133 5.28 0.81 -23.78
CA GLY B 133 6.44 1.51 -23.26
C GLY B 133 6.16 2.30 -21.98
N GLU B 134 5.07 1.95 -21.29
CA GLU B 134 4.68 2.60 -20.05
C GLU B 134 5.06 1.72 -18.84
N HIS B 135 5.00 2.29 -17.64
CA HIS B 135 5.35 1.52 -16.46
C HIS B 135 4.25 1.59 -15.43
N LYS B 136 3.06 2.01 -15.86
CA LYS B 136 1.95 2.16 -14.94
C LYS B 136 1.54 0.95 -14.11
N ALA B 137 1.78 -0.26 -14.61
CA ALA B 137 1.42 -1.46 -13.86
C ALA B 137 2.37 -1.67 -12.68
N TRP B 138 3.51 -0.98 -12.72
CA TRP B 138 4.51 -1.03 -11.68
C TRP B 138 4.42 0.21 -10.78
N THR B 139 4.12 1.38 -11.36
CA THR B 139 4.04 2.59 -10.54
C THR B 139 2.76 2.69 -9.73
N LYS B 140 1.65 2.19 -10.27
CA LYS B 140 0.38 2.22 -9.54
C LYS B 140 0.48 1.48 -8.18
N PRO B 141 1.07 0.26 -8.16
CA PRO B 141 1.20 -0.44 -6.87
C PRO B 141 2.03 0.36 -5.85
N GLN B 142 3.04 1.11 -6.30
CA GLN B 142 3.85 1.93 -5.38
C GLN B 142 2.99 3.01 -4.71
N ALA B 143 2.05 3.58 -5.48
CA ALA B 143 1.14 4.59 -4.95
C ALA B 143 0.18 3.98 -3.93
N TYR B 144 -0.22 2.72 -4.15
CA TYR B 144 -1.10 2.02 -3.22
C TYR B 144 -0.37 1.71 -1.90
N LEU B 145 0.94 1.53 -1.98
CA LEU B 145 1.75 1.31 -0.79
C LEU B 145 1.66 2.61 0.03
N ALA B 146 1.83 3.75 -0.65
CA ALA B 146 1.73 5.06 0.01
C ALA B 146 0.34 5.23 0.61
N LEU B 147 -0.68 4.74 -0.08
CA LEU B 147 -2.04 4.82 0.45
C LEU B 147 -2.20 3.98 1.72
N GLY B 148 -1.60 2.79 1.76
CA GLY B 148 -1.69 1.94 2.95
C GLY B 148 -1.03 2.67 4.13
N ASN B 149 0.08 3.35 3.84
CA ASN B 149 0.80 4.12 4.82
C ASN B 149 -0.08 5.27 5.34
N ALA B 150 -0.80 5.94 4.43
CA ALA B 150 -1.67 7.05 4.81
C ALA B 150 -2.84 6.61 5.70
N LEU B 151 -3.43 5.47 5.40
CA LEU B 151 -4.55 5.00 6.18
C LEU B 151 -4.12 4.66 7.61
N HIS B 152 -2.92 4.14 7.77
CA HIS B 152 -2.42 3.82 9.10
C HIS B 152 -2.11 5.15 9.81
N THR B 153 -1.52 6.08 9.09
CA THR B 153 -1.20 7.40 9.64
C THR B 153 -2.46 8.13 10.15
N LEU B 154 -3.53 8.09 9.36
CA LEU B 154 -4.81 8.72 9.74
C LEU B 154 -5.45 8.06 10.97
N ALA B 155 -5.26 6.76 11.12
CA ALA B 155 -5.80 6.04 12.27
C ALA B 155 -5.12 6.55 13.56
N ARG B 156 -3.81 6.84 13.47
CA ARG B 156 -3.04 7.35 14.60
C ARG B 156 -3.38 8.80 14.96
N LEU B 157 -3.81 9.58 13.96
CA LEU B 157 -4.17 10.99 14.17
C LEU B 157 -5.64 11.16 14.56
N ASN B 158 -6.40 10.05 14.50
CA ASN B 158 -7.83 10.06 14.79
C ASN B 158 -8.63 10.98 13.87
N ILE B 159 -8.34 10.85 12.58
CA ILE B 159 -8.99 11.62 11.53
C ILE B 159 -9.73 10.59 10.70
N ASP B 160 -10.99 10.89 10.35
CA ASP B 160 -11.79 9.98 9.52
C ASP B 160 -11.44 10.11 8.06
N SER B 161 -11.72 9.06 7.29
CA SER B 161 -11.41 9.08 5.87
C SER B 161 -12.24 8.14 5.03
N THR B 162 -12.21 8.33 3.72
CA THR B 162 -12.92 7.50 2.76
C THR B 162 -12.04 7.32 1.53
N THR B 163 -11.53 6.11 1.32
CA THR B 163 -10.72 5.82 0.16
C THR B 163 -11.70 5.70 -1.01
N MET B 164 -11.32 6.16 -2.18
CA MET B 164 -12.24 6.10 -3.31
C MET B 164 -11.62 5.65 -4.63
N GLU B 165 -12.07 4.49 -5.11
CA GLU B 165 -11.65 3.99 -6.43
C GLU B 165 -12.81 4.35 -7.40
N GLY B 166 -13.94 4.75 -6.82
CA GLY B 166 -15.11 5.13 -7.59
C GLY B 166 -14.94 6.57 -8.02
N ILE B 167 -13.97 6.78 -8.91
CA ILE B 167 -13.67 8.08 -9.47
C ILE B 167 -13.54 7.91 -11.00
N ASP B 168 -13.47 9.04 -11.71
CA ASP B 168 -13.37 9.02 -13.16
C ASP B 168 -11.99 9.51 -13.57
N PRO B 169 -11.05 8.56 -13.81
CA PRO B 169 -9.67 8.88 -14.21
C PRO B 169 -9.53 9.74 -15.45
N GLU B 170 -10.35 9.47 -16.47
CA GLU B 170 -10.28 10.23 -17.71
C GLU B 170 -10.67 11.68 -17.51
N LEU B 171 -11.77 11.88 -16.79
CA LEU B 171 -12.26 13.23 -16.50
C LEU B 171 -11.32 14.01 -15.58
N LEU B 172 -10.67 13.31 -14.62
CA LEU B 172 -9.75 13.95 -13.70
C LEU B 172 -8.55 14.44 -14.46
N SER B 173 -8.15 13.66 -15.46
CA SER B 173 -7.01 14.01 -16.30
C SER B 173 -7.32 15.26 -17.14
N GLU B 174 -8.61 15.49 -17.38
CA GLU B 174 -9.10 16.64 -18.15
C GLU B 174 -9.13 17.88 -17.23
N ILE B 175 -9.84 17.76 -16.11
CA ILE B 175 -10.01 18.82 -15.13
C ILE B 175 -8.69 19.30 -14.50
N PHE B 176 -7.83 18.35 -14.12
CA PHE B 176 -6.54 18.67 -13.50
C PHE B 176 -5.44 18.42 -14.50
N ALA B 177 -5.68 18.91 -15.71
CA ALA B 177 -4.77 18.77 -16.85
C ALA B 177 -3.30 19.02 -16.58
N ASP B 178 -2.98 20.18 -16.03
CA ASP B 178 -1.60 20.54 -15.76
C ASP B 178 -0.96 19.74 -14.63
N GLU B 179 -1.73 19.52 -13.57
CA GLU B 179 -1.26 18.80 -12.39
C GLU B 179 -1.01 17.32 -12.62
N LEU B 180 -1.86 16.71 -13.43
CA LEU B 180 -1.75 15.29 -13.72
C LEU B 180 -0.97 14.97 -14.99
N LYS B 181 -0.28 15.95 -15.55
CA LYS B 181 0.49 15.75 -16.78
C LYS B 181 1.60 14.71 -16.60
N GLY B 182 1.47 13.60 -17.32
CA GLY B 182 2.44 12.51 -17.24
C GLY B 182 2.10 11.49 -16.16
N TYR B 183 0.92 11.63 -15.55
CA TYR B 183 0.45 10.76 -14.49
C TYR B 183 -0.97 10.35 -14.77
N GLU B 184 -1.47 9.41 -13.96
CA GLU B 184 -2.85 8.96 -14.04
C GLU B 184 -3.28 8.86 -12.58
N CYS B 185 -4.57 8.94 -12.31
CA CYS B 185 -5.03 8.83 -10.93
C CYS B 185 -6.18 7.88 -10.87
N HIS B 186 -5.99 6.79 -10.14
CA HIS B 186 -6.99 5.75 -9.98
C HIS B 186 -7.60 5.65 -8.58
N VAL B 187 -7.08 6.44 -7.66
CA VAL B 187 -7.60 6.41 -6.29
C VAL B 187 -7.42 7.77 -5.62
N ALA B 188 -8.43 8.15 -4.85
CA ALA B 188 -8.43 9.42 -4.12
C ALA B 188 -8.80 9.12 -2.67
N LEU B 189 -8.52 10.06 -1.79
CA LEU B 189 -8.80 9.84 -0.39
C LEU B 189 -9.41 11.08 0.24
N ALA B 190 -10.64 11.00 0.73
CA ALA B 190 -11.28 12.13 1.40
C ALA B 190 -10.93 11.99 2.88
N ILE B 191 -10.65 13.11 3.54
CA ILE B 191 -10.35 13.09 4.98
C ILE B 191 -11.18 14.16 5.66
N GLY B 192 -11.47 13.98 6.94
CA GLY B 192 -12.26 14.96 7.65
C GLY B 192 -12.79 14.32 8.92
N TYR B 193 -13.98 14.73 9.33
CA TYR B 193 -14.62 14.19 10.54
C TYR B 193 -15.99 13.71 10.19
N HIS B 194 -16.32 12.50 10.60
CA HIS B 194 -17.61 11.90 10.27
C HIS B 194 -18.79 12.62 10.89
N HIS B 195 -19.94 12.47 10.26
CA HIS B 195 -21.17 13.08 10.74
C HIS B 195 -21.58 12.31 12.00
N PRO B 196 -21.80 13.02 13.12
CA PRO B 196 -22.18 12.52 14.45
C PRO B 196 -23.38 11.59 14.50
N SER B 197 -24.24 11.63 13.48
CA SER B 197 -25.40 10.77 13.48
C SER B 197 -25.73 10.10 12.14
N GLU B 198 -25.36 10.75 11.04
CA GLU B 198 -25.66 10.20 9.72
C GLU B 198 -24.64 9.26 9.10
N ASP B 199 -23.49 9.07 9.73
CA ASP B 199 -22.51 8.13 9.20
C ASP B 199 -22.88 6.77 9.78
N TYR B 200 -23.68 6.02 9.03
CA TYR B 200 -24.13 4.70 9.45
C TYR B 200 -23.03 3.66 9.62
N ASN B 201 -21.92 3.84 8.89
CA ASN B 201 -20.82 2.89 8.97
C ASN B 201 -20.03 3.01 10.27
N ALA B 202 -20.21 4.12 10.99
CA ALA B 202 -19.51 4.36 12.25
C ALA B 202 -19.90 3.40 13.36
N SER B 203 -21.10 2.83 13.26
CA SER B 203 -21.58 1.91 14.27
C SER B 203 -21.69 0.45 13.80
N LEU B 204 -21.28 0.15 12.58
CA LEU B 204 -21.33 -1.22 12.05
C LEU B 204 -20.03 -1.93 12.42
N PRO B 205 -20.09 -3.25 12.68
CA PRO B 205 -18.92 -4.04 13.05
C PRO B 205 -18.01 -4.17 11.83
N LYS B 206 -16.70 -4.22 12.05
CA LYS B 206 -15.76 -4.39 10.95
C LYS B 206 -15.76 -5.88 10.64
N SER B 207 -15.65 -6.21 9.36
CA SER B 207 -15.63 -7.60 8.95
C SER B 207 -14.44 -7.92 8.04
N ARG B 208 -13.71 -8.98 8.39
CA ARG B 208 -12.57 -9.45 7.60
C ARG B 208 -12.64 -10.98 7.59
N LYS B 209 -11.96 -11.59 6.63
CA LYS B 209 -11.91 -13.04 6.52
C LYS B 209 -11.20 -13.65 7.72
N ALA B 210 -11.53 -14.91 7.99
CA ALA B 210 -10.93 -15.65 9.08
C ALA B 210 -9.43 -15.71 8.89
N PHE B 211 -8.71 -15.64 9.99
CA PHE B 211 -7.27 -15.71 10.01
C PHE B 211 -6.74 -16.87 9.14
N GLU B 212 -7.32 -18.07 9.24
CA GLU B 212 -6.85 -19.19 8.43
C GLU B 212 -7.16 -19.12 6.94
N ASP B 213 -8.09 -18.22 6.59
CA ASP B 213 -8.41 -18.04 5.19
C ASP B 213 -7.43 -17.13 4.47
N VAL B 214 -6.75 -16.25 5.21
CA VAL B 214 -5.80 -15.32 4.59
C VAL B 214 -4.33 -15.49 4.98
N ILE B 215 -4.06 -16.23 6.06
CA ILE B 215 -2.69 -16.42 6.51
C ILE B 215 -2.31 -17.91 6.59
N THR B 216 -1.15 -18.24 6.06
CA THR B 216 -0.64 -19.60 6.10
C THR B 216 0.74 -19.53 6.69
N ILE B 217 1.01 -20.36 7.70
CA ILE B 217 2.32 -20.38 8.33
C ILE B 217 3.03 -21.70 7.95
N LEU B 218 4.18 -21.58 7.32
CA LEU B 218 4.95 -22.72 6.87
C LEU B 218 6.26 -22.90 7.61
N1 FMN C . 15.43 -3.38 -1.25
C2 FMN C . 16.24 -4.51 -1.35
O2 FMN C . 17.33 -4.55 -0.84
N3 FMN C . 15.79 -5.44 -2.30
C4 FMN C . 14.60 -5.39 -3.02
O4 FMN C . 14.33 -6.31 -3.80
C4A FMN C . 13.83 -4.18 -2.77
N5 FMN C . 12.58 -4.13 -3.35
C5A FMN C . 11.66 -3.21 -2.96
C6 FMN C . 10.39 -3.30 -3.45
C7 FMN C . 9.45 -2.43 -2.96
C7M FMN C . 8.03 -2.53 -3.46
C8 FMN C . 9.78 -1.47 -1.96
C8M FMN C . 8.74 -0.62 -1.25
C9 FMN C . 11.06 -1.34 -1.55
C9A FMN C . 12.03 -2.21 -2.03
N10 FMN C . 13.30 -2.19 -1.53
C10 FMN C . 14.20 -3.17 -1.83
C1' FMN C . 13.76 -1.18 -0.70
C2' FMN C . 13.76 0.22 -1.29
O2' FMN C . 14.94 0.38 -2.02
C3' FMN C . 13.60 1.29 -0.17
O3' FMN C . 12.29 1.11 0.41
C4' FMN C . 13.69 2.73 -0.74
O4' FMN C . 15.07 2.93 -1.19
C5' FMN C . 13.45 3.73 0.38
O5' FMN C . 14.35 3.48 1.53
P FMN C . 13.98 3.05 3.02
O1P FMN C . 15.36 2.83 3.47
O2P FMN C . 13.10 1.91 2.75
O3P FMN C . 13.26 4.22 3.45
N1 FMN D . -15.49 3.10 -0.14
C2 FMN D . -16.35 4.10 -0.67
O2 FMN D . -17.37 4.44 -0.06
N3 FMN D . -16.10 4.44 -2.00
C4 FMN D . -15.11 3.91 -2.84
O4 FMN D . -15.05 4.30 -4.02
C4A FMN D . -14.20 2.97 -2.12
N5 FMN D . -13.08 2.58 -2.82
C5A FMN D . -12.10 1.88 -2.21
C6 FMN D . -10.92 1.70 -2.86
C7 FMN D . -9.87 1.15 -2.19
C7M FMN D . -8.55 0.95 -2.90
C8 FMN D . -9.98 0.84 -0.83
C8M FMN D . -8.77 0.47 0.04
C9 FMN D . -11.13 1.04 -0.15
C9A FMN D . -12.23 1.55 -0.84
N10 FMN D . -13.40 1.84 -0.17
C10 FMN D . -14.37 2.58 -0.78
C1' FMN D . -13.66 1.42 1.11
C2' FMN D . -13.68 -0.14 1.31
O2' FMN D . -14.98 -0.55 1.00
C3' FMN D . -13.28 -0.51 2.77
O3' FMN D . -11.93 -0.12 2.97
C4' FMN D . -13.39 -2.01 3.05
O4' FMN D . -14.78 -2.37 3.02
C5' FMN D . -12.94 -2.36 4.47
O5' FMN D . -13.64 -1.52 5.46
P FMN D . -13.03 -0.37 6.46
O1P FMN D . -14.31 0.10 6.99
O2P FMN D . -12.30 0.42 5.45
O3P FMN D . -12.17 -1.20 7.31
#